data_5VJ4
#
_entry.id   5VJ4
#
_cell.length_a   102.055
_cell.length_b   102.055
_cell.length_c   183.211
_cell.angle_alpha   90.00
_cell.angle_beta   90.00
_cell.angle_gamma   120.00
#
_symmetry.space_group_name_H-M   'P 61'
#
loop_
_entity.id
_entity.type
_entity.pdbx_description
1 polymer 'Uncharacterized protein'
2 non-polymer 'SULFATE ION'
3 water water
#
_entity_poly.entity_id   1
_entity_poly.type   'polypeptide(L)'
_entity_poly.pdbx_seq_one_letter_code
;SGVRPESGVGPESGVGPEAGVGPEAGVGPESGVGPEAGVGPEAGVGPESGVGPESGVGPEAGVRPEAGVRPEAGAGTDTE
TEEEIEEVVGDEEALAYLNETVIDPKLIALLDDFGVSRSGRKAISYIQGNLTSDVIYDRLNKLGADVVIEKIIKPTVSLL
KTKGEALKIIEDPTNEGVKTRLQN(MSE)CKRYDGLVKGIGYDFFHGSIGTDRFAQAVVYYAPRFRKFKEIVKNPRV
(MSE)DDIYGWLDADDRATINEIGKIVINATYDKDKFNNVLNSVGVYYVVR(MSE)IDIYRGVKIEHDEALNAITTVPDG
VVKQDLQARLNRFKGEYYSNIRGTFKGFTDGLHFQI(MSE)TDGDKYRNYFIILKFDAQAARVAKARGATGSGS
;
_entity_poly.pdbx_strand_id   A,B
#
# COMPACT_ATOMS: atom_id res chain seq x y z
N GLU A 92 28.15 -23.65 5.29
CA GLU A 92 27.19 -23.75 4.14
C GLU A 92 27.64 -22.96 2.92
N GLU A 93 27.83 -23.68 1.82
CA GLU A 93 28.16 -23.07 0.52
C GLU A 93 26.96 -22.33 -0.07
N ALA A 94 25.75 -22.77 0.26
CA ALA A 94 24.53 -22.09 -0.18
C ALA A 94 24.36 -20.71 0.45
N LEU A 95 24.87 -20.54 1.68
CA LEU A 95 24.84 -19.22 2.34
C LEU A 95 26.06 -18.36 2.13
N ALA A 96 26.98 -18.84 1.29
CA ALA A 96 28.24 -18.16 1.02
C ALA A 96 28.11 -16.80 0.33
N TYR A 97 26.98 -16.57 -0.33
CA TYR A 97 26.77 -15.28 -1.00
C TYR A 97 26.44 -14.15 -0.01
N LEU A 98 26.25 -14.50 1.27
CA LEU A 98 25.69 -13.55 2.22
C LEU A 98 26.63 -12.47 2.79
N ASN A 99 27.78 -12.87 3.30
CA ASN A 99 28.84 -11.92 3.73
C ASN A 99 28.44 -10.98 4.89
N GLU A 100 27.43 -11.37 5.65
CA GLU A 100 26.87 -10.54 6.73
C GLU A 100 26.20 -11.39 7.77
N THR A 101 26.60 -11.15 9.02
CA THR A 101 26.28 -12.01 10.15
C THR A 101 26.32 -11.19 11.43
N VAL A 102 25.96 -11.82 12.54
CA VAL A 102 25.97 -11.15 13.84
C VAL A 102 27.35 -10.61 14.20
N ILE A 103 27.39 -9.38 14.72
CA ILE A 103 28.64 -8.84 15.26
C ILE A 103 28.65 -8.85 16.76
N ASP A 104 27.55 -8.41 17.35
CA ASP A 104 27.43 -8.32 18.80
C ASP A 104 27.84 -9.59 19.51
N PRO A 105 28.90 -9.50 20.30
CA PRO A 105 29.57 -10.61 20.97
C PRO A 105 28.73 -11.34 21.99
N LYS A 106 27.92 -10.66 22.80
CA LYS A 106 27.09 -11.43 23.75
C LYS A 106 26.09 -12.31 23.01
N LEU A 107 25.53 -11.78 21.92
CA LEU A 107 24.62 -12.55 21.09
C LEU A 107 25.31 -13.74 20.46
N ILE A 108 26.53 -13.54 19.98
CA ILE A 108 27.26 -14.63 19.43
C ILE A 108 27.48 -15.70 20.50
N ALA A 109 27.72 -15.27 21.74
CA ALA A 109 28.00 -16.22 22.77
C ALA A 109 26.78 -17.10 22.99
N LEU A 110 25.61 -16.47 23.08
CA LEU A 110 24.36 -17.21 23.20
C LEU A 110 24.12 -18.20 22.04
N LEU A 111 24.36 -17.74 20.81
CA LEU A 111 24.18 -18.64 19.67
C LEU A 111 25.13 -19.82 19.73
N ASP A 112 26.35 -19.60 20.22
CA ASP A 112 27.35 -20.68 20.41
C ASP A 112 26.86 -21.65 21.48
N ASP A 113 26.36 -21.10 22.58
CA ASP A 113 25.70 -21.90 23.62
C ASP A 113 24.56 -22.78 23.08
N PHE A 114 24.00 -22.39 21.94
CA PHE A 114 22.84 -23.09 21.34
C PHE A 114 23.20 -24.10 20.25
N GLY A 115 24.42 -23.98 19.75
CA GLY A 115 24.85 -24.86 18.66
C GLY A 115 24.59 -24.25 17.31
N VAL A 116 24.33 -22.95 17.21
CA VAL A 116 24.04 -22.38 15.92
C VAL A 116 25.35 -22.32 15.13
N SER A 117 25.34 -22.95 13.95
CA SER A 117 26.35 -22.86 12.87
C SER A 117 26.64 -21.44 12.38
N ARG A 118 27.54 -21.34 11.40
CA ARG A 118 27.92 -20.05 10.78
C ARG A 118 26.73 -19.54 10.02
N SER A 119 26.16 -20.43 9.20
CA SER A 119 25.00 -20.13 8.39
C SER A 119 23.84 -19.66 9.27
N GLY A 120 23.59 -20.38 10.36
CA GLY A 120 22.59 -19.97 11.35
C GLY A 120 22.78 -18.57 11.88
N ARG A 121 24.05 -18.18 12.09
CA ARG A 121 24.37 -16.82 12.50
C ARG A 121 23.94 -15.87 11.41
N LYS A 122 24.28 -16.22 10.17
CA LYS A 122 23.96 -15.39 9.02
C LYS A 122 22.44 -15.19 8.89
N ALA A 123 21.66 -16.24 9.19
CA ALA A 123 20.21 -16.19 9.15
C ALA A 123 19.67 -15.24 10.20
N ILE A 124 20.08 -15.44 11.45
CA ILE A 124 19.69 -14.55 12.52
C ILE A 124 20.00 -13.09 12.16
N SER A 125 21.16 -12.83 11.58
CA SER A 125 21.46 -11.49 11.16
C SER A 125 20.46 -11.00 10.12
N TYR A 126 20.07 -11.88 9.21
CA TYR A 126 19.06 -11.56 8.20
C TYR A 126 17.69 -11.15 8.80
N ILE A 127 17.00 -12.06 9.50
CA ILE A 127 15.73 -11.68 10.07
C ILE A 127 15.84 -10.59 11.12
N GLN A 128 17.06 -10.26 11.51
CA GLN A 128 17.25 -9.22 12.51
C GLN A 128 16.77 -7.87 11.97
N GLY A 129 17.01 -7.62 10.68
CA GLY A 129 16.72 -6.36 10.04
C GLY A 129 17.38 -5.19 10.72
N ASN A 130 16.58 -4.25 11.20
CA ASN A 130 17.07 -3.03 11.83
C ASN A 130 16.81 -3.03 13.32
N LEU A 131 16.34 -4.17 13.82
CA LEU A 131 16.20 -4.35 15.26
C LEU A 131 17.60 -4.40 15.87
N THR A 132 17.71 -4.12 17.16
CA THR A 132 19.01 -4.12 17.83
C THR A 132 19.26 -5.47 18.44
N SER A 133 20.54 -5.83 18.54
CA SER A 133 20.96 -7.12 19.09
C SER A 133 20.32 -7.38 20.42
N ASP A 134 20.12 -6.34 21.23
CA ASP A 134 19.49 -6.48 22.53
C ASP A 134 18.10 -7.14 22.37
N VAL A 135 17.34 -6.66 21.39
CA VAL A 135 15.97 -7.15 21.17
C VAL A 135 15.93 -8.65 20.81
N ILE A 136 16.76 -9.04 19.85
CA ILE A 136 16.72 -10.43 19.42
C ILE A 136 17.38 -11.36 20.43
N TYR A 137 18.35 -10.83 21.19
CA TYR A 137 18.92 -11.55 22.35
C TYR A 137 17.82 -11.82 23.39
N ASP A 138 17.09 -10.76 23.76
CA ASP A 138 16.00 -10.90 24.74
C ASP A 138 15.02 -11.97 24.32
N ARG A 139 14.68 -12.00 23.02
CA ARG A 139 13.71 -12.97 22.55
C ARG A 139 14.30 -14.35 22.60
N LEU A 140 15.44 -14.55 21.94
CA LEU A 140 15.99 -15.90 21.77
C LEU A 140 16.35 -16.58 23.09
N ASN A 141 16.68 -15.77 24.09
CA ASN A 141 17.14 -16.27 25.34
C ASN A 141 16.07 -17.07 26.07
N LYS A 142 14.89 -16.47 26.17
CA LYS A 142 13.77 -17.07 26.87
C LYS A 142 13.18 -18.33 26.21
N LEU A 143 13.77 -18.81 25.10
CA LEU A 143 13.18 -19.87 24.28
C LEU A 143 13.89 -21.23 24.23
N GLY A 144 15.20 -21.22 24.29
CA GLY A 144 15.89 -22.50 24.31
C GLY A 144 16.25 -23.04 22.96
N ALA A 145 17.46 -23.60 22.89
CA ALA A 145 18.11 -24.03 21.66
C ALA A 145 17.28 -24.95 20.77
N ASP A 146 16.54 -25.87 21.39
CA ASP A 146 15.75 -26.83 20.62
C ASP A 146 14.81 -26.05 19.67
N VAL A 147 14.02 -25.15 20.26
CA VAL A 147 13.02 -24.39 19.52
C VAL A 147 13.69 -23.43 18.53
N VAL A 148 14.64 -22.65 18.99
CA VAL A 148 15.31 -21.70 18.12
C VAL A 148 15.86 -22.37 16.86
N ILE A 149 16.58 -23.47 17.03
CA ILE A 149 17.18 -24.14 15.88
C ILE A 149 16.09 -24.67 14.93
N GLU A 150 15.03 -25.24 15.48
CA GLU A 150 14.09 -25.90 14.61
C GLU A 150 13.06 -24.97 13.96
N LYS A 151 12.59 -23.98 14.70
CA LYS A 151 11.54 -23.08 14.22
C LYS A 151 12.04 -21.76 13.71
N ILE A 152 13.20 -21.29 14.16
CA ILE A 152 13.74 -20.06 13.65
C ILE A 152 14.82 -20.30 12.61
N ILE A 153 15.84 -21.05 13.01
CA ILE A 153 17.03 -21.08 12.18
C ILE A 153 16.87 -21.96 10.93
N LYS A 154 16.42 -23.20 11.11
CA LYS A 154 16.23 -24.12 9.98
C LYS A 154 15.36 -23.53 8.86
N PRO A 155 14.14 -23.01 9.20
CA PRO A 155 13.31 -22.39 8.14
C PRO A 155 14.00 -21.22 7.46
N THR A 156 14.62 -20.34 8.25
CA THR A 156 15.28 -19.18 7.65
C THR A 156 16.39 -19.62 6.73
N VAL A 157 17.16 -20.61 7.17
CA VAL A 157 18.35 -21.01 6.43
C VAL A 157 17.93 -21.64 5.11
N SER A 158 16.89 -22.47 5.16
CA SER A 158 16.29 -22.99 3.93
C SER A 158 15.87 -21.84 2.99
N LEU A 159 15.13 -20.89 3.55
CA LEU A 159 14.77 -19.71 2.77
C LEU A 159 15.96 -19.01 2.12
N LEU A 160 17.06 -18.89 2.86
CA LEU A 160 18.19 -18.17 2.32
C LEU A 160 18.87 -18.96 1.22
N LYS A 161 18.87 -20.30 1.34
CA LYS A 161 19.44 -21.17 0.28
C LYS A 161 18.67 -20.91 -1.01
N THR A 162 17.33 -20.90 -0.90
CA THR A 162 16.47 -20.59 -2.03
C THR A 162 16.78 -19.22 -2.61
N LYS A 163 16.82 -18.20 -1.75
CA LYS A 163 17.14 -16.85 -2.19
C LYS A 163 18.49 -16.77 -2.93
N GLY A 164 19.40 -17.67 -2.55
CA GLY A 164 20.71 -17.75 -3.21
C GLY A 164 20.64 -18.27 -4.63
N GLU A 165 19.89 -19.36 -4.82
CA GLU A 165 19.58 -19.86 -6.16
C GLU A 165 19.01 -18.73 -7.01
N ALA A 166 17.97 -18.10 -6.48
CA ALA A 166 17.30 -17.02 -7.16
C ALA A 166 18.32 -15.94 -7.54
N LEU A 167 19.28 -15.67 -6.66
CA LEU A 167 20.28 -14.68 -6.97
C LEU A 167 21.12 -15.09 -8.18
N LYS A 168 21.54 -16.37 -8.23
CA LYS A 168 22.29 -16.88 -9.38
C LYS A 168 21.54 -16.64 -10.69
N ILE A 169 20.24 -16.89 -10.69
CA ILE A 169 19.43 -16.58 -11.87
C ILE A 169 19.45 -15.06 -12.21
N ILE A 170 19.38 -14.21 -11.19
CA ILE A 170 19.43 -12.75 -11.41
C ILE A 170 20.75 -12.33 -12.05
N GLU A 171 21.86 -12.83 -11.54
CA GLU A 171 23.18 -12.35 -11.97
C GLU A 171 23.71 -12.97 -13.24
N ASP A 172 23.04 -14.03 -13.72
CA ASP A 172 23.37 -14.58 -15.04
C ASP A 172 23.33 -13.47 -16.08
N PRO A 173 24.42 -13.34 -16.88
CA PRO A 173 24.50 -12.26 -17.85
C PRO A 173 23.39 -12.27 -18.91
N THR A 174 22.87 -13.45 -19.27
CA THR A 174 21.69 -13.56 -20.16
C THR A 174 20.55 -12.65 -19.68
N ASN A 175 20.36 -12.61 -18.37
CA ASN A 175 19.26 -11.91 -17.80
C ASN A 175 19.55 -10.44 -17.47
N GLU A 176 20.64 -9.87 -18.02
CA GLU A 176 20.96 -8.43 -17.84
C GLU A 176 19.72 -7.56 -18.04
N GLY A 177 19.00 -7.83 -19.12
CA GLY A 177 17.83 -7.06 -19.54
C GLY A 177 16.76 -6.92 -18.49
N VAL A 178 16.69 -7.91 -17.60
CA VAL A 178 15.67 -7.91 -16.53
C VAL A 178 16.25 -7.90 -15.11
N LYS A 179 17.58 -7.95 -15.00
CA LYS A 179 18.29 -7.99 -13.71
C LYS A 179 17.66 -7.07 -12.65
N THR A 180 17.61 -5.77 -12.97
CA THR A 180 17.11 -4.76 -12.05
C THR A 180 15.76 -5.14 -11.48
N ARG A 181 14.80 -5.43 -12.37
CA ARG A 181 13.42 -5.61 -11.95
C ARG A 181 13.28 -6.75 -10.97
N LEU A 182 14.11 -7.78 -11.15
CA LEU A 182 14.11 -8.89 -10.20
C LEU A 182 14.68 -8.49 -8.85
N GLN A 183 15.80 -7.77 -8.86
CA GLN A 183 16.40 -7.30 -7.62
C GLN A 183 15.38 -6.48 -6.82
N ASN A 184 14.66 -5.56 -7.48
CA ASN A 184 13.64 -4.79 -6.78
C ASN A 184 12.60 -5.66 -6.10
N CYS A 186 13.15 -8.75 -5.32
CA CYS A 186 13.95 -9.38 -4.28
C CYS A 186 13.89 -8.54 -3.01
N LYS A 187 14.18 -7.24 -3.13
CA LYS A 187 14.16 -6.33 -1.97
C LYS A 187 12.79 -6.27 -1.26
N ARG A 188 11.72 -6.11 -2.03
CA ARG A 188 10.38 -6.10 -1.44
C ARG A 188 10.17 -7.37 -0.60
N TYR A 189 10.54 -8.51 -1.16
CA TYR A 189 10.38 -9.75 -0.45
C TYR A 189 11.19 -9.77 0.85
N ASP A 190 12.46 -9.29 0.77
CA ASP A 190 13.29 -9.09 1.98
C ASP A 190 12.51 -8.34 3.05
N GLY A 191 11.95 -7.20 2.67
CA GLY A 191 11.19 -6.38 3.60
C GLY A 191 10.12 -7.17 4.27
N LEU A 192 9.37 -7.93 3.47
CA LEU A 192 8.21 -8.65 4.00
C LEU A 192 8.68 -9.71 4.99
N VAL A 193 9.76 -10.40 4.62
CA VAL A 193 10.34 -11.38 5.52
C VAL A 193 10.81 -10.72 6.81
N LYS A 194 11.59 -9.65 6.70
CA LYS A 194 12.04 -8.94 7.90
C LYS A 194 10.84 -8.51 8.76
N GLY A 195 9.73 -8.15 8.13
CA GLY A 195 8.47 -7.88 8.86
C GLY A 195 8.00 -9.04 9.72
N ILE A 196 8.07 -10.24 9.15
CA ILE A 196 7.71 -11.44 9.92
C ILE A 196 8.72 -11.55 11.05
N GLY A 197 9.99 -11.38 10.72
CA GLY A 197 11.05 -11.24 11.74
C GLY A 197 10.57 -10.33 12.87
N TYR A 198 10.29 -9.07 12.51
CA TYR A 198 9.80 -8.09 13.47
C TYR A 198 8.64 -8.62 14.32
N ASP A 199 7.57 -9.07 13.68
CA ASP A 199 6.40 -9.47 14.48
C ASP A 199 6.81 -10.52 15.49
N PHE A 200 7.76 -11.36 15.07
CA PHE A 200 8.21 -12.46 15.92
C PHE A 200 9.04 -11.97 17.12
N PHE A 201 10.06 -11.15 16.85
CA PHE A 201 10.92 -10.64 17.93
C PHE A 201 10.20 -9.81 18.96
N HIS A 202 9.30 -8.94 18.49
CA HIS A 202 8.46 -8.18 19.40
C HIS A 202 7.26 -8.92 19.97
N GLY A 203 7.16 -10.23 19.71
CA GLY A 203 6.16 -11.05 20.42
C GLY A 203 4.76 -11.13 19.86
N SER A 204 4.48 -10.46 18.72
CA SER A 204 3.14 -10.52 18.10
C SER A 204 2.84 -11.91 17.48
N ILE A 205 3.88 -12.60 17.03
CA ILE A 205 3.70 -14.01 16.66
C ILE A 205 4.71 -14.88 17.35
N GLY A 206 4.33 -16.13 17.56
CA GLY A 206 5.22 -17.13 18.13
C GLY A 206 6.07 -17.92 17.13
N THR A 207 6.76 -18.93 17.62
CA THR A 207 7.63 -19.76 16.80
C THR A 207 6.87 -20.51 15.69
N ASP A 208 5.70 -21.07 16.02
CA ASP A 208 4.91 -21.81 15.03
C ASP A 208 4.56 -20.95 13.82
N ARG A 209 4.03 -19.75 14.09
CA ARG A 209 3.73 -18.82 13.03
C ARG A 209 4.95 -18.36 12.24
N PHE A 210 6.05 -18.06 12.94
CA PHE A 210 7.24 -17.60 12.24
C PHE A 210 7.67 -18.64 11.21
N ALA A 211 7.76 -19.89 11.63
CA ALA A 211 8.22 -20.94 10.71
C ALA A 211 7.21 -21.21 9.61
N GLN A 212 5.93 -21.08 9.94
CA GLN A 212 4.81 -21.33 9.03
C GLN A 212 4.82 -20.31 7.92
N ALA A 213 5.05 -19.05 8.32
CA ALA A 213 4.90 -17.89 7.46
C ALA A 213 6.11 -17.58 6.61
N VAL A 214 7.27 -17.90 7.14
CA VAL A 214 8.49 -17.52 6.48
C VAL A 214 8.73 -18.37 5.21
N VAL A 215 8.22 -19.60 5.20
CA VAL A 215 8.45 -20.46 4.03
C VAL A 215 7.51 -20.14 2.86
N TYR A 216 6.47 -19.35 3.11
CA TYR A 216 5.63 -18.84 2.05
C TYR A 216 6.44 -18.19 0.93
N TYR A 217 7.68 -17.79 1.24
CA TYR A 217 8.45 -16.95 0.32
C TYR A 217 9.37 -17.76 -0.57
N ALA A 218 9.65 -19.01 -0.19
CA ALA A 218 10.53 -19.87 -0.98
C ALA A 218 10.04 -20.04 -2.44
N PRO A 219 8.76 -20.48 -2.64
CA PRO A 219 8.20 -20.49 -3.98
C PRO A 219 8.38 -19.16 -4.71
N ARG A 220 8.22 -18.06 -3.97
CA ARG A 220 8.19 -16.75 -4.58
C ARG A 220 9.55 -16.38 -5.17
N PHE A 221 10.61 -16.83 -4.50
CA PHE A 221 11.98 -16.63 -5.00
C PHE A 221 12.26 -17.62 -6.13
N ARG A 222 11.97 -18.90 -5.88
CA ARG A 222 12.15 -19.95 -6.89
C ARG A 222 11.58 -19.58 -8.25
N LYS A 223 10.44 -18.87 -8.22
CA LYS A 223 9.69 -18.50 -9.40
C LYS A 223 10.52 -17.70 -10.41
N PHE A 224 11.62 -17.10 -9.97
CA PHE A 224 12.43 -16.28 -10.87
C PHE A 224 12.95 -17.09 -12.05
N LYS A 225 13.47 -18.27 -11.72
CA LYS A 225 13.96 -19.27 -12.66
C LYS A 225 13.00 -19.40 -13.85
N GLU A 226 11.68 -19.45 -13.57
CA GLU A 226 10.69 -19.51 -14.63
C GLU A 226 10.46 -18.15 -15.25
N ILE A 227 10.47 -17.12 -14.42
CA ILE A 227 10.12 -15.79 -14.90
C ILE A 227 11.08 -15.28 -15.98
N VAL A 228 12.36 -15.58 -15.81
CA VAL A 228 13.36 -15.13 -16.79
C VAL A 228 13.15 -15.68 -18.19
N LYS A 229 12.64 -16.90 -18.27
CA LYS A 229 12.37 -17.54 -19.53
C LYS A 229 11.29 -16.81 -20.34
N ASN A 230 10.30 -16.22 -19.68
CA ASN A 230 9.28 -15.49 -20.40
C ASN A 230 8.93 -14.16 -19.77
N PRO A 231 9.83 -13.18 -19.83
CA PRO A 231 9.72 -11.87 -19.16
C PRO A 231 8.43 -11.05 -19.25
N ARG A 232 7.53 -11.36 -20.16
CA ARG A 232 6.26 -10.61 -20.24
C ARG A 232 5.37 -10.87 -19.03
N VAL A 233 5.50 -12.07 -18.42
CA VAL A 233 4.71 -12.45 -17.27
C VAL A 233 4.77 -11.42 -16.13
N ASP A 235 4.53 -8.34 -16.22
CA ASP A 235 3.54 -7.27 -16.36
C ASP A 235 2.17 -7.66 -15.78
N ASP A 236 2.06 -8.86 -15.21
CA ASP A 236 0.86 -9.26 -14.53
C ASP A 236 1.21 -9.72 -13.13
N ILE A 237 0.43 -9.31 -12.15
CA ILE A 237 0.71 -9.74 -10.80
C ILE A 237 0.69 -11.28 -10.71
N TYR A 238 -0.22 -11.94 -11.41
CA TYR A 238 -0.27 -13.42 -11.38
C TYR A 238 1.02 -14.04 -11.92
N GLY A 239 1.83 -13.25 -12.63
CA GLY A 239 3.06 -13.76 -13.22
C GLY A 239 4.08 -14.07 -12.16
N TRP A 240 3.93 -13.40 -11.00
CA TRP A 240 4.87 -13.56 -9.88
C TRP A 240 4.46 -14.58 -8.85
N LEU A 241 3.17 -14.91 -8.83
CA LEU A 241 2.59 -15.93 -7.93
C LEU A 241 2.96 -17.32 -8.36
N ASP A 242 3.33 -18.16 -7.39
CA ASP A 242 3.48 -19.59 -7.63
C ASP A 242 2.11 -20.30 -7.52
N ALA A 243 2.11 -21.62 -7.68
CA ALA A 243 0.87 -22.37 -7.63
C ALA A 243 0.11 -22.16 -6.32
N ASP A 244 0.82 -22.21 -5.21
CA ASP A 244 0.21 -22.01 -3.89
C ASP A 244 -0.44 -20.66 -3.80
N ASP A 245 0.30 -19.63 -4.22
CA ASP A 245 -0.25 -18.29 -4.25
C ASP A 245 -1.50 -18.21 -5.12
N ARG A 246 -1.40 -18.75 -6.34
CA ARG A 246 -2.55 -18.83 -7.25
C ARG A 246 -3.76 -19.44 -6.56
N ALA A 247 -3.57 -20.63 -5.98
CA ALA A 247 -4.62 -21.26 -5.15
C ALA A 247 -5.27 -20.29 -4.20
N THR A 248 -4.44 -19.63 -3.38
CA THR A 248 -4.99 -18.72 -2.37
C THR A 248 -5.79 -17.59 -3.00
N ILE A 249 -5.21 -16.98 -4.03
CA ILE A 249 -5.91 -15.90 -4.69
C ILE A 249 -7.24 -16.36 -5.24
N ASN A 250 -7.29 -17.57 -5.80
CA ASN A 250 -8.54 -18.05 -6.39
C ASN A 250 -9.58 -18.11 -5.30
N GLU A 251 -9.17 -18.72 -4.19
CA GLU A 251 -10.04 -18.84 -3.05
C GLU A 251 -10.55 -17.48 -2.57
N ILE A 252 -9.63 -16.52 -2.45
CA ILE A 252 -10.00 -15.17 -2.01
C ILE A 252 -11.00 -14.56 -3.00
N GLY A 253 -10.72 -14.74 -4.29
CA GLY A 253 -11.64 -14.31 -5.35
C GLY A 253 -13.06 -14.84 -5.11
N LYS A 254 -13.20 -16.18 -4.96
CA LYS A 254 -14.52 -16.77 -4.67
C LYS A 254 -15.23 -16.10 -3.49
N ILE A 255 -14.50 -15.77 -2.45
CA ILE A 255 -15.10 -14.97 -1.37
C ILE A 255 -15.62 -13.62 -1.88
N VAL A 256 -14.91 -13.00 -2.82
CA VAL A 256 -15.20 -11.63 -3.22
C VAL A 256 -16.17 -11.47 -4.41
N ILE A 257 -15.97 -12.27 -5.44
CA ILE A 257 -16.71 -12.13 -6.69
C ILE A 257 -18.21 -12.45 -6.56
N ASN A 258 -18.98 -11.55 -7.14
CA ASN A 258 -20.43 -11.48 -7.06
C ASN A 258 -21.07 -11.41 -8.42
N ALA A 259 -22.39 -11.32 -8.42
CA ALA A 259 -23.09 -10.89 -9.60
C ALA A 259 -22.77 -9.39 -9.80
N THR A 260 -22.74 -8.63 -8.72
CA THR A 260 -22.34 -7.21 -8.75
C THR A 260 -20.83 -6.88 -8.95
N TYR A 261 -19.94 -7.72 -8.41
CA TYR A 261 -18.48 -7.44 -8.43
C TYR A 261 -17.84 -8.62 -9.13
N ASP A 262 -17.14 -8.37 -10.23
CA ASP A 262 -16.69 -9.48 -11.09
C ASP A 262 -15.18 -9.65 -11.11
N LYS A 263 -14.73 -10.74 -11.73
CA LYS A 263 -13.32 -11.10 -11.81
C LYS A 263 -12.40 -9.99 -12.30
N ASP A 264 -12.91 -9.12 -13.17
CA ASP A 264 -12.11 -8.05 -13.74
C ASP A 264 -11.84 -6.96 -12.72
N LYS A 265 -12.88 -6.59 -11.97
CA LYS A 265 -12.74 -5.59 -10.93
C LYS A 265 -11.76 -6.05 -9.87
N PHE A 266 -11.93 -7.30 -9.47
CA PHE A 266 -11.08 -7.93 -8.46
C PHE A 266 -9.65 -7.88 -8.94
N ASN A 267 -9.42 -8.30 -10.17
CA ASN A 267 -8.09 -8.24 -10.70
C ASN A 267 -7.49 -6.84 -10.81
N ASN A 268 -8.33 -5.82 -11.01
CA ASN A 268 -7.81 -4.48 -11.11
C ASN A 268 -7.22 -3.96 -9.80
N VAL A 269 -7.88 -4.27 -8.69
CA VAL A 269 -7.29 -3.82 -7.41
C VAL A 269 -5.97 -4.53 -7.15
N LEU A 270 -5.87 -5.80 -7.51
CA LEU A 270 -4.61 -6.50 -7.35
C LEU A 270 -3.52 -5.79 -8.12
N ASN A 271 -3.80 -5.44 -9.37
CA ASN A 271 -2.82 -4.77 -10.17
C ASN A 271 -2.49 -3.38 -9.72
N SER A 272 -3.45 -2.70 -9.08
CA SER A 272 -3.16 -1.33 -8.68
C SER A 272 -2.21 -1.36 -7.49
N VAL A 273 -2.51 -2.29 -6.60
CA VAL A 273 -1.83 -2.42 -5.35
C VAL A 273 -0.43 -3.01 -5.55
N GLY A 274 -0.28 -3.92 -6.51
CA GLY A 274 1.03 -4.50 -6.77
C GLY A 274 1.36 -5.75 -5.97
N VAL A 275 2.37 -6.44 -6.42
CA VAL A 275 2.72 -7.71 -5.82
C VAL A 275 3.05 -7.64 -4.34
N TYR A 276 3.74 -6.57 -3.94
CA TYR A 276 4.10 -6.39 -2.55
C TYR A 276 2.87 -6.48 -1.66
N TYR A 277 1.83 -5.70 -1.94
CA TYR A 277 0.61 -5.81 -1.11
C TYR A 277 -0.19 -7.08 -1.35
N VAL A 278 -0.12 -7.62 -2.56
CA VAL A 278 -0.90 -8.77 -2.84
C VAL A 278 -0.38 -9.93 -2.03
N VAL A 279 0.93 -10.17 -2.04
CA VAL A 279 1.45 -11.33 -1.32
C VAL A 279 1.23 -11.22 0.18
N ARG A 280 1.35 -10.03 0.73
CA ARG A 280 1.11 -9.90 2.14
C ARG A 280 -0.33 -10.22 2.53
N ILE A 282 -2.05 -12.30 1.15
CA ILE A 282 -2.14 -13.76 1.01
C ILE A 282 -1.66 -14.48 2.26
N ASP A 283 -0.48 -14.07 2.78
CA ASP A 283 0.06 -14.61 4.02
C ASP A 283 -0.98 -14.40 5.13
N ILE A 284 -1.50 -13.17 5.25
CA ILE A 284 -2.40 -12.89 6.35
C ILE A 284 -3.62 -13.81 6.26
N TYR A 285 -4.21 -13.89 5.07
CA TYR A 285 -5.38 -14.70 4.85
C TYR A 285 -5.13 -16.14 5.27
N ARG A 286 -3.96 -16.65 4.91
CA ARG A 286 -3.63 -18.02 5.21
C ARG A 286 -3.56 -18.30 6.68
N GLY A 287 -3.05 -17.33 7.44
CA GLY A 287 -2.99 -17.43 8.89
C GLY A 287 -4.38 -17.56 9.47
N VAL A 288 -5.29 -16.72 8.98
CA VAL A 288 -6.64 -16.74 9.50
C VAL A 288 -7.32 -18.05 9.15
N LYS A 289 -7.10 -18.50 7.93
CA LYS A 289 -7.70 -19.71 7.47
C LYS A 289 -7.19 -20.85 8.30
N ILE A 290 -5.88 -20.90 8.54
CA ILE A 290 -5.30 -22.02 9.31
C ILE A 290 -5.78 -22.02 10.74
N GLU A 291 -5.86 -20.85 11.35
CA GLU A 291 -6.32 -20.78 12.73
C GLU A 291 -7.77 -21.15 12.88
N HIS A 292 -8.58 -20.74 11.92
CA HIS A 292 -10.00 -21.05 11.96
C HIS A 292 -10.20 -22.57 11.93
N ASP A 293 -9.45 -23.26 11.10
CA ASP A 293 -9.56 -24.71 11.04
C ASP A 293 -9.17 -25.36 12.32
N GLU A 294 -8.12 -24.87 12.96
CA GLU A 294 -7.74 -25.38 14.28
C GLU A 294 -8.89 -25.24 15.25
N ALA A 295 -9.54 -24.08 15.22
CA ALA A 295 -10.67 -23.80 16.09
C ALA A 295 -11.87 -24.66 15.74
N LEU A 296 -11.97 -25.03 14.47
CA LEU A 296 -13.00 -25.96 14.03
C LEU A 296 -12.83 -27.32 14.68
N ASN A 297 -11.62 -27.88 14.58
CA ASN A 297 -11.32 -29.18 15.19
C ASN A 297 -11.52 -29.18 16.69
N ALA A 298 -10.97 -28.16 17.33
CA ALA A 298 -11.14 -27.97 18.75
C ALA A 298 -12.63 -27.91 19.19
N ILE A 299 -13.52 -27.40 18.35
CA ILE A 299 -14.94 -27.37 18.72
C ILE A 299 -15.58 -28.74 18.50
N THR A 300 -15.15 -29.47 17.47
CA THR A 300 -15.62 -30.85 17.26
C THR A 300 -15.29 -31.74 18.45
N THR A 301 -14.11 -31.55 19.00
CA THR A 301 -13.59 -32.27 20.16
C THR A 301 -14.46 -32.08 21.42
N VAL A 302 -15.07 -30.91 21.58
CA VAL A 302 -15.96 -30.63 22.71
C VAL A 302 -17.14 -31.60 22.68
N PRO A 303 -17.43 -32.25 23.84
CA PRO A 303 -18.56 -33.16 23.88
C PRO A 303 -19.82 -32.40 23.51
N ASP A 304 -20.58 -33.02 22.62
CA ASP A 304 -21.81 -32.45 22.12
C ASP A 304 -22.67 -32.03 23.30
N GLY A 305 -23.13 -30.78 23.31
CA GLY A 305 -23.88 -30.33 24.45
C GLY A 305 -24.03 -28.86 24.78
N VAL A 306 -23.83 -28.56 26.06
CA VAL A 306 -24.18 -27.29 26.68
C VAL A 306 -23.51 -26.04 26.06
N VAL A 307 -22.18 -26.04 26.03
CA VAL A 307 -21.45 -24.86 25.57
C VAL A 307 -20.84 -25.00 24.18
N LYS A 308 -21.04 -26.15 23.56
CA LYS A 308 -20.55 -26.39 22.20
C LYS A 308 -21.17 -25.37 21.25
N GLN A 309 -22.47 -25.16 21.43
CA GLN A 309 -23.22 -24.24 20.58
C GLN A 309 -22.68 -22.81 20.66
N ASP A 310 -22.44 -22.33 21.88
CA ASP A 310 -22.01 -20.95 22.07
C ASP A 310 -20.67 -20.72 21.40
N LEU A 311 -19.80 -21.71 21.49
CA LEU A 311 -18.51 -21.64 20.83
C LEU A 311 -18.68 -21.68 19.33
N GLN A 312 -19.58 -22.56 18.89
CA GLN A 312 -19.93 -22.73 17.49
C GLN A 312 -20.47 -21.46 16.84
N ALA A 313 -21.25 -20.71 17.61
CA ALA A 313 -21.76 -19.42 17.15
C ALA A 313 -20.59 -18.51 16.84
N ARG A 314 -19.64 -18.44 17.77
CA ARG A 314 -18.50 -17.55 17.64
C ARG A 314 -17.74 -17.89 16.37
N LEU A 315 -17.51 -19.18 16.14
CA LEU A 315 -16.77 -19.63 14.96
C LEU A 315 -17.44 -19.12 13.71
N ASN A 316 -18.75 -19.35 13.59
CA ASN A 316 -19.47 -18.91 12.40
C ASN A 316 -19.53 -17.40 12.28
N ARG A 317 -19.75 -16.72 13.41
CA ARG A 317 -19.84 -15.28 13.40
C ARG A 317 -18.51 -14.67 12.97
N PHE A 318 -17.43 -15.18 13.53
CA PHE A 318 -16.11 -14.68 13.22
C PHE A 318 -15.77 -14.86 11.76
N LYS A 319 -15.98 -16.06 11.21
CA LYS A 319 -15.77 -16.31 9.78
C LYS A 319 -16.59 -15.29 8.97
N GLY A 320 -17.85 -15.10 9.34
CA GLY A 320 -18.70 -14.12 8.67
C GLY A 320 -18.07 -12.74 8.66
N GLU A 321 -17.78 -12.21 9.84
CA GLU A 321 -17.17 -10.88 10.00
C GLU A 321 -15.94 -10.71 9.11
N TYR A 322 -15.09 -11.75 9.07
CA TYR A 322 -13.86 -11.66 8.27
C TYR A 322 -14.17 -11.59 6.78
N TYR A 323 -14.84 -12.61 6.25
CA TYR A 323 -15.28 -12.63 4.85
C TYR A 323 -15.96 -11.32 4.42
N SER A 324 -16.77 -10.77 5.30
CA SER A 324 -17.36 -9.45 5.08
C SER A 324 -16.31 -8.35 4.96
N ASN A 325 -15.29 -8.37 5.83
CA ASN A 325 -14.21 -7.38 5.75
C ASN A 325 -13.54 -7.47 4.37
N ILE A 326 -13.38 -8.69 3.84
CA ILE A 326 -12.70 -8.88 2.57
C ILE A 326 -13.51 -8.22 1.44
N ARG A 327 -14.76 -8.64 1.30
CA ARG A 327 -15.67 -8.07 0.32
C ARG A 327 -15.68 -6.54 0.40
N GLY A 328 -15.90 -6.01 1.60
CA GLY A 328 -15.94 -4.56 1.85
C GLY A 328 -14.68 -3.81 1.41
N THR A 329 -13.51 -4.41 1.60
CA THR A 329 -12.30 -3.70 1.32
C THR A 329 -12.10 -3.65 -0.20
N PHE A 330 -12.48 -4.72 -0.90
CA PHE A 330 -12.35 -4.69 -2.36
C PHE A 330 -13.35 -3.74 -3.02
N LYS A 331 -14.61 -3.80 -2.57
CA LYS A 331 -15.64 -2.94 -3.09
C LYS A 331 -15.23 -1.47 -2.89
N GLY A 332 -14.95 -1.11 -1.64
CA GLY A 332 -14.54 0.23 -1.33
C GLY A 332 -13.34 0.65 -2.16
N PHE A 333 -12.52 -0.30 -2.56
CA PHE A 333 -11.36 0.06 -3.33
C PHE A 333 -11.80 0.49 -4.73
N THR A 334 -12.49 -0.39 -5.44
CA THR A 334 -12.96 -0.03 -6.79
C THR A 334 -13.93 1.16 -6.76
N ASP A 335 -14.59 1.39 -5.64
CA ASP A 335 -15.49 2.54 -5.54
C ASP A 335 -14.82 3.88 -5.30
N GLY A 336 -13.52 3.90 -5.05
CA GLY A 336 -12.82 5.17 -4.79
C GLY A 336 -12.84 5.62 -3.34
N LEU A 337 -13.41 4.79 -2.46
CA LEU A 337 -13.52 5.11 -1.03
C LEU A 337 -12.17 5.10 -0.29
N HIS A 338 -11.30 4.17 -0.70
CA HIS A 338 -9.98 3.97 -0.09
C HIS A 338 -8.98 3.35 -1.05
N PHE A 339 -7.72 3.26 -0.61
CA PHE A 339 -6.64 2.85 -1.50
C PHE A 339 -5.72 1.78 -0.94
N GLN A 340 -6.25 1.01 0.00
CA GLN A 340 -5.48 -0.10 0.62
C GLN A 340 -6.40 -1.32 0.77
N ILE A 341 -5.90 -2.50 0.41
CA ILE A 341 -6.66 -3.71 0.75
C ILE A 341 -6.37 -4.02 2.20
N THR A 343 -7.98 -6.31 5.37
CA THR A 343 -8.98 -7.28 5.84
C THR A 343 -9.07 -7.42 7.38
N ASP A 344 -8.25 -6.64 8.11
CA ASP A 344 -8.09 -6.75 9.56
C ASP A 344 -7.83 -8.21 9.99
N GLY A 345 -6.93 -8.86 9.27
CA GLY A 345 -6.77 -10.31 9.37
C GLY A 345 -6.07 -10.76 10.64
N ASP A 346 -5.09 -9.98 11.10
CA ASP A 346 -4.39 -10.32 12.33
C ASP A 346 -5.36 -10.40 13.53
N LYS A 347 -6.19 -9.38 13.68
CA LYS A 347 -7.24 -9.34 14.72
C LYS A 347 -8.07 -10.63 14.70
N TYR A 348 -8.37 -11.12 13.50
CA TYR A 348 -9.21 -12.28 13.37
C TYR A 348 -8.45 -13.58 13.58
N ARG A 349 -7.15 -13.57 13.31
CA ARG A 349 -6.29 -14.72 13.64
C ARG A 349 -6.28 -14.93 15.15
N ASN A 350 -6.10 -13.84 15.89
CA ASN A 350 -6.14 -13.87 17.34
C ASN A 350 -7.48 -14.32 17.87
N TYR A 351 -8.56 -13.79 17.32
CA TYR A 351 -9.90 -14.24 17.69
C TYR A 351 -10.03 -15.76 17.57
N PHE A 352 -9.55 -16.31 16.46
CA PHE A 352 -9.61 -17.76 16.28
C PHE A 352 -8.72 -18.54 17.22
N ILE A 353 -7.59 -17.95 17.61
CA ILE A 353 -6.65 -18.64 18.48
C ILE A 353 -7.25 -18.72 19.89
N ILE A 354 -7.71 -17.57 20.39
CA ILE A 354 -8.45 -17.52 21.64
C ILE A 354 -9.58 -18.53 21.61
N LEU A 355 -10.38 -18.49 20.55
CA LEU A 355 -11.47 -19.42 20.41
C LEU A 355 -11.01 -20.89 20.49
N LYS A 356 -9.87 -21.20 19.89
CA LYS A 356 -9.36 -22.57 19.99
C LYS A 356 -9.04 -22.93 21.43
N PHE A 357 -8.37 -22.01 22.13
CA PHE A 357 -7.96 -22.25 23.52
C PHE A 357 -9.17 -22.44 24.41
N ASP A 358 -10.17 -21.59 24.25
CA ASP A 358 -11.40 -21.73 24.99
C ASP A 358 -12.04 -23.06 24.70
N ALA A 359 -12.01 -23.47 23.44
CA ALA A 359 -12.57 -24.76 23.06
C ALA A 359 -11.89 -25.91 23.81
N GLN A 360 -10.57 -25.87 23.88
CA GLN A 360 -9.81 -26.95 24.49
C GLN A 360 -10.04 -27.00 26.01
N ALA A 361 -9.99 -25.84 26.68
CA ALA A 361 -10.35 -25.74 28.10
C ALA A 361 -11.78 -26.27 28.36
N ALA A 362 -12.68 -26.04 27.43
CA ALA A 362 -14.02 -26.59 27.55
C ALA A 362 -14.06 -28.12 27.42
N ARG A 363 -13.24 -28.73 26.55
CA ARG A 363 -13.16 -30.20 26.47
C ARG A 363 -12.77 -30.78 27.83
N VAL A 364 -11.76 -30.20 28.46
CA VAL A 364 -11.28 -30.66 29.76
C VAL A 364 -12.37 -30.50 30.85
N ALA A 365 -12.98 -29.32 30.96
CA ALA A 365 -14.04 -29.10 31.95
C ALA A 365 -15.20 -30.11 31.80
N LYS A 366 -15.70 -30.29 30.58
CA LYS A 366 -16.79 -31.24 30.33
C LYS A 366 -16.26 -32.57 29.79
N GLU B 93 -14.70 17.20 -28.93
CA GLU B 93 -13.37 17.85 -29.06
C GLU B 93 -12.31 16.83 -29.45
N ALA B 94 -11.08 17.03 -28.95
CA ALA B 94 -9.96 16.10 -29.18
C ALA B 94 -10.15 14.73 -28.55
N LEU B 95 -10.89 14.65 -27.44
CA LEU B 95 -10.96 13.41 -26.65
C LEU B 95 -11.94 12.34 -27.21
N ALA B 96 -11.64 11.91 -28.43
CA ALA B 96 -12.48 10.97 -29.15
C ALA B 96 -12.42 9.57 -28.57
N TYR B 97 -11.30 9.23 -27.93
CA TYR B 97 -11.08 7.89 -27.39
C TYR B 97 -12.03 7.52 -26.26
N LEU B 98 -12.55 8.51 -25.55
CA LEU B 98 -13.49 8.28 -24.45
C LEU B 98 -14.73 7.46 -24.76
N ASN B 99 -15.71 8.06 -25.43
CA ASN B 99 -16.92 7.35 -25.86
C ASN B 99 -17.62 6.60 -24.72
N GLU B 100 -17.80 7.31 -23.61
CA GLU B 100 -18.57 6.87 -22.45
C GLU B 100 -19.04 8.13 -21.74
N THR B 101 -20.36 8.25 -21.58
CA THR B 101 -21.00 9.54 -21.22
C THR B 101 -22.20 9.29 -20.32
N VAL B 102 -22.70 10.35 -19.69
CA VAL B 102 -23.93 10.29 -18.89
C VAL B 102 -25.15 9.89 -19.74
N ILE B 103 -25.92 8.92 -19.23
CA ILE B 103 -27.21 8.54 -19.82
C ILE B 103 -28.39 9.01 -18.96
N ASP B 104 -28.15 9.26 -17.66
CA ASP B 104 -29.22 9.67 -16.74
C ASP B 104 -29.77 11.02 -17.22
N PRO B 105 -31.09 11.09 -17.49
CA PRO B 105 -31.69 12.33 -17.99
C PRO B 105 -31.68 13.50 -17.01
N LYS B 106 -31.78 13.22 -15.72
CA LYS B 106 -31.82 14.28 -14.69
C LYS B 106 -30.47 15.00 -14.65
N LEU B 107 -29.40 14.23 -14.51
CA LEU B 107 -28.03 14.74 -14.69
C LEU B 107 -27.90 15.45 -16.04
N ILE B 108 -28.29 14.77 -17.12
CA ILE B 108 -28.27 15.34 -18.48
C ILE B 108 -28.96 16.72 -18.52
N ALA B 109 -30.01 16.87 -17.71
CA ALA B 109 -30.78 18.12 -17.63
C ALA B 109 -29.98 19.23 -16.96
N LEU B 110 -29.26 18.90 -15.90
CA LEU B 110 -28.38 19.86 -15.26
C LEU B 110 -27.11 20.16 -16.05
N LEU B 111 -26.68 19.23 -16.91
CA LEU B 111 -25.47 19.42 -17.73
C LEU B 111 -25.78 20.31 -18.94
N ASP B 112 -26.92 20.04 -19.58
CA ASP B 112 -27.45 20.90 -20.63
C ASP B 112 -27.75 22.29 -20.07
N ASP B 113 -28.47 22.34 -18.95
CA ASP B 113 -28.76 23.61 -18.27
C ASP B 113 -27.48 24.37 -17.89
N PHE B 114 -26.47 23.65 -17.43
CA PHE B 114 -25.15 24.26 -17.17
C PHE B 114 -24.46 24.69 -18.46
N GLY B 115 -24.89 24.12 -19.58
CA GLY B 115 -24.35 24.47 -20.89
C GLY B 115 -22.91 24.02 -21.06
N VAL B 116 -22.69 22.71 -20.99
CA VAL B 116 -21.40 22.15 -21.33
C VAL B 116 -21.56 21.21 -22.52
N SER B 117 -20.45 20.96 -23.22
CA SER B 117 -20.40 20.18 -24.46
C SER B 117 -20.74 18.69 -24.30
N ARG B 118 -20.70 17.96 -25.42
CA ARG B 118 -20.59 16.50 -25.40
C ARG B 118 -19.28 16.15 -24.70
N SER B 119 -18.22 16.91 -25.01
CA SER B 119 -16.92 16.74 -24.35
C SER B 119 -17.12 16.77 -22.84
N GLY B 120 -17.83 17.80 -22.36
CA GLY B 120 -18.13 17.96 -20.97
C GLY B 120 -18.78 16.75 -20.33
N ARG B 121 -19.95 16.37 -20.86
CA ARG B 121 -20.71 15.21 -20.38
C ARG B 121 -19.81 13.96 -20.28
N LYS B 122 -18.92 13.77 -21.26
CA LYS B 122 -18.00 12.64 -21.26
C LYS B 122 -17.09 12.71 -20.02
N ALA B 123 -16.40 13.83 -19.83
CA ALA B 123 -15.49 14.04 -18.69
C ALA B 123 -16.17 13.74 -17.35
N ILE B 124 -17.39 14.23 -17.20
CA ILE B 124 -18.11 13.96 -15.98
C ILE B 124 -18.40 12.49 -15.80
N SER B 125 -18.77 11.78 -16.86
CA SER B 125 -18.94 10.33 -16.77
C SER B 125 -17.66 9.65 -16.29
N TYR B 126 -16.51 10.16 -16.75
CA TYR B 126 -15.23 9.59 -16.32
C TYR B 126 -15.02 9.73 -14.82
N ILE B 127 -14.96 10.96 -14.30
CA ILE B 127 -14.75 11.16 -12.86
C ILE B 127 -15.92 10.70 -12.01
N GLN B 128 -17.08 10.49 -12.61
CA GLN B 128 -18.21 9.93 -11.89
C GLN B 128 -17.80 8.62 -11.22
N GLY B 129 -16.87 7.90 -11.87
CA GLY B 129 -16.46 6.55 -11.48
C GLY B 129 -17.65 5.65 -11.26
N ASN B 130 -17.66 4.95 -10.14
CA ASN B 130 -18.79 4.12 -9.76
C ASN B 130 -19.75 4.78 -8.79
N LEU B 131 -19.61 6.10 -8.64
CA LEU B 131 -20.57 6.88 -7.86
C LEU B 131 -21.86 6.99 -8.71
N THR B 132 -23.02 6.97 -8.05
CA THR B 132 -24.32 6.93 -8.76
C THR B 132 -24.58 8.19 -9.57
N SER B 133 -25.42 8.08 -10.61
CA SER B 133 -25.87 9.23 -11.38
C SER B 133 -26.41 10.30 -10.42
N ASP B 134 -27.27 9.85 -9.50
CA ASP B 134 -27.99 10.74 -8.61
C ASP B 134 -27.09 11.54 -7.67
N VAL B 135 -26.06 10.91 -7.11
CA VAL B 135 -25.17 11.62 -6.19
C VAL B 135 -24.29 12.66 -6.91
N ILE B 136 -23.85 12.34 -8.12
CA ILE B 136 -23.16 13.33 -8.97
C ILE B 136 -24.06 14.56 -9.16
N TYR B 137 -25.33 14.31 -9.51
CA TYR B 137 -26.32 15.38 -9.59
C TYR B 137 -26.41 16.16 -8.27
N ASP B 138 -26.55 15.44 -7.16
CA ASP B 138 -26.76 16.04 -5.85
C ASP B 138 -25.69 17.04 -5.48
N ARG B 139 -24.43 16.69 -5.73
CA ARG B 139 -23.33 17.61 -5.46
C ARG B 139 -23.41 18.83 -6.37
N LEU B 140 -23.58 18.59 -7.67
CA LEU B 140 -23.46 19.65 -8.67
C LEU B 140 -24.54 20.72 -8.53
N ASN B 141 -25.76 20.28 -8.21
CA ASN B 141 -26.90 21.17 -8.06
C ASN B 141 -26.65 22.26 -7.00
N LYS B 142 -26.10 21.88 -5.86
CA LYS B 142 -25.80 22.83 -4.77
C LYS B 142 -24.91 23.98 -5.22
N LEU B 143 -24.07 23.75 -6.23
CA LEU B 143 -23.13 24.78 -6.71
C LEU B 143 -23.63 25.40 -8.01
N GLY B 144 -23.14 26.60 -8.30
CA GLY B 144 -23.48 27.28 -9.54
C GLY B 144 -22.78 26.65 -10.73
N ALA B 145 -23.52 26.50 -11.83
CA ALA B 145 -22.99 26.03 -13.10
C ALA B 145 -21.72 26.79 -13.51
N ASP B 146 -21.67 28.08 -13.16
CA ASP B 146 -20.51 28.92 -13.42
C ASP B 146 -19.26 28.36 -12.75
N VAL B 147 -19.31 28.26 -11.42
CA VAL B 147 -18.21 27.73 -10.63
C VAL B 147 -17.84 26.35 -11.14
N VAL B 148 -18.86 25.53 -11.36
CA VAL B 148 -18.66 24.17 -11.85
C VAL B 148 -17.78 24.07 -13.10
N ILE B 149 -18.09 24.85 -14.12
CA ILE B 149 -17.42 24.68 -15.39
C ILE B 149 -15.91 24.94 -15.29
N GLU B 150 -15.52 26.06 -14.73
CA GLU B 150 -14.08 26.34 -14.66
C GLU B 150 -13.39 25.48 -13.60
N LYS B 151 -14.03 25.29 -12.44
CA LYS B 151 -13.39 24.53 -11.37
C LYS B 151 -13.32 23.04 -11.59
N ILE B 152 -14.34 22.48 -12.21
CA ILE B 152 -14.38 21.04 -12.35
C ILE B 152 -14.14 20.56 -13.77
N ILE B 153 -14.97 21.00 -14.70
CA ILE B 153 -14.95 20.46 -16.04
C ILE B 153 -13.67 20.80 -16.83
N LYS B 154 -13.27 22.06 -16.79
CA LYS B 154 -12.07 22.53 -17.52
C LYS B 154 -10.85 21.67 -17.22
N PRO B 155 -10.45 21.61 -15.93
CA PRO B 155 -9.33 20.88 -15.38
C PRO B 155 -9.40 19.42 -15.77
N THR B 156 -10.56 18.79 -15.57
CA THR B 156 -10.78 17.40 -15.97
C THR B 156 -10.44 17.23 -17.43
N VAL B 157 -11.00 18.11 -18.25
CA VAL B 157 -10.76 18.07 -19.66
C VAL B 157 -9.26 18.20 -19.97
N SER B 158 -8.53 19.10 -19.30
CA SER B 158 -7.06 19.22 -19.55
C SER B 158 -6.42 17.86 -19.36
N LEU B 159 -6.83 17.16 -18.30
CA LEU B 159 -6.25 15.89 -18.00
C LEU B 159 -6.58 14.84 -19.08
N LEU B 160 -7.87 14.69 -19.39
CA LEU B 160 -8.29 13.75 -20.41
C LEU B 160 -7.57 13.99 -21.73
N LYS B 161 -7.31 15.26 -22.02
CA LYS B 161 -6.50 15.64 -23.16
C LYS B 161 -5.13 14.99 -23.13
N THR B 162 -4.33 15.33 -22.11
CA THR B 162 -2.97 14.80 -21.99
C THR B 162 -2.97 13.28 -21.87
N LYS B 163 -4.05 12.71 -21.35
CA LYS B 163 -4.20 11.27 -21.32
C LYS B 163 -4.41 10.69 -22.72
N GLY B 164 -5.30 11.30 -23.50
CA GLY B 164 -5.43 10.95 -24.92
C GLY B 164 -4.08 10.96 -25.61
N GLU B 165 -3.34 12.04 -25.41
CA GLU B 165 -1.99 12.18 -25.99
C GLU B 165 -1.01 11.11 -25.56
N ALA B 166 -1.17 10.61 -24.33
CA ALA B 166 -0.28 9.57 -23.81
C ALA B 166 -0.71 8.21 -24.34
N LEU B 167 -2.02 7.96 -24.30
CA LEU B 167 -2.65 6.78 -24.86
C LEU B 167 -2.07 6.45 -26.24
N LYS B 168 -1.95 7.47 -27.08
CA LYS B 168 -1.31 7.32 -28.39
C LYS B 168 0.06 6.65 -28.27
N ILE B 169 0.90 7.10 -27.34
CA ILE B 169 2.25 6.56 -27.19
C ILE B 169 2.22 5.08 -26.75
N ILE B 170 1.21 4.70 -25.99
CA ILE B 170 1.01 3.28 -25.71
C ILE B 170 0.65 2.52 -27.00
N GLU B 171 -0.37 3.01 -27.70
CA GLU B 171 -0.91 2.40 -28.91
C GLU B 171 0.14 2.14 -29.99
N ASP B 172 1.06 3.10 -30.14
CA ASP B 172 2.15 2.99 -31.06
C ASP B 172 2.79 1.60 -30.98
N PRO B 173 2.93 0.91 -32.13
CA PRO B 173 3.52 -0.44 -32.10
C PRO B 173 5.07 -0.48 -32.04
N THR B 174 5.73 0.68 -31.95
CA THR B 174 7.17 0.72 -31.59
C THR B 174 7.35 0.41 -30.10
N ASN B 175 6.29 0.63 -29.33
CA ASN B 175 6.32 0.51 -27.88
C ASN B 175 5.63 -0.73 -27.37
N GLU B 176 5.51 -1.74 -28.22
CA GLU B 176 4.84 -2.98 -27.87
C GLU B 176 5.47 -3.63 -26.63
N GLY B 177 6.80 -3.58 -26.52
CA GLY B 177 7.52 -4.15 -25.37
C GLY B 177 7.04 -3.53 -24.07
N VAL B 178 7.07 -2.22 -24.02
CA VAL B 178 6.64 -1.49 -22.85
C VAL B 178 5.10 -1.26 -22.79
N LYS B 179 4.37 -1.77 -23.77
CA LYS B 179 2.94 -1.45 -23.89
C LYS B 179 2.16 -1.80 -22.62
N THR B 180 2.17 -3.08 -22.25
CA THR B 180 1.30 -3.55 -21.16
C THR B 180 1.58 -2.80 -19.86
N ARG B 181 2.85 -2.76 -19.48
CA ARG B 181 3.31 -1.97 -18.34
C ARG B 181 2.72 -0.54 -18.33
N LEU B 182 2.84 0.19 -19.45
CA LEU B 182 2.24 1.53 -19.57
C LEU B 182 0.73 1.55 -19.35
N GLN B 183 0.01 0.57 -19.90
CA GLN B 183 -1.45 0.48 -19.71
C GLN B 183 -1.79 0.28 -18.24
N ASN B 184 -1.03 -0.60 -17.58
CA ASN B 184 -1.21 -0.87 -16.16
C ASN B 184 -1.09 0.39 -15.34
N CYS B 186 -1.35 3.39 -16.43
CA CYS B 186 -2.50 4.20 -16.82
C CYS B 186 -3.71 3.88 -15.94
N LYS B 187 -4.00 2.58 -15.74
CA LYS B 187 -5.13 2.18 -14.90
C LYS B 187 -5.01 2.65 -13.45
N ARG B 188 -3.78 2.64 -12.93
CA ARG B 188 -3.56 3.08 -11.54
C ARG B 188 -3.89 4.56 -11.43
N TYR B 189 -3.27 5.38 -12.29
CA TYR B 189 -3.59 6.81 -12.33
C TYR B 189 -5.09 7.05 -12.48
N ASP B 190 -5.75 6.25 -13.31
CA ASP B 190 -7.18 6.37 -13.49
C ASP B 190 -7.89 6.24 -12.16
N GLY B 191 -7.56 5.19 -11.40
CA GLY B 191 -8.16 4.95 -10.08
C GLY B 191 -7.93 6.11 -9.12
N LEU B 192 -6.72 6.64 -9.15
CA LEU B 192 -6.37 7.73 -8.26
C LEU B 192 -7.21 8.96 -8.53
N VAL B 193 -7.37 9.30 -9.81
CA VAL B 193 -8.12 10.47 -10.24
C VAL B 193 -9.57 10.29 -9.86
N LYS B 194 -10.14 9.15 -10.24
CA LYS B 194 -11.51 8.82 -9.84
C LYS B 194 -11.70 8.94 -8.34
N GLY B 195 -10.65 8.64 -7.57
CA GLY B 195 -10.68 8.83 -6.13
C GLY B 195 -10.75 10.28 -5.69
N ILE B 196 -9.93 11.14 -6.30
CA ILE B 196 -10.04 12.59 -6.10
C ILE B 196 -11.46 13.05 -6.40
N GLY B 197 -12.01 12.53 -7.51
CA GLY B 197 -13.43 12.68 -7.83
C GLY B 197 -14.33 12.31 -6.65
N TYR B 198 -14.38 11.02 -6.33
CA TYR B 198 -15.09 10.53 -5.16
C TYR B 198 -15.01 11.53 -3.99
N ASP B 199 -13.78 11.91 -3.65
CA ASP B 199 -13.55 12.80 -2.51
C ASP B 199 -14.27 14.13 -2.66
N PHE B 200 -14.28 14.68 -3.86
CA PHE B 200 -14.98 15.92 -4.12
C PHE B 200 -16.50 15.74 -4.06
N PHE B 201 -16.99 14.67 -4.68
CA PHE B 201 -18.43 14.42 -4.70
C PHE B 201 -19.08 14.24 -3.32
N HIS B 202 -18.46 13.47 -2.42
CA HIS B 202 -19.03 13.28 -1.09
C HIS B 202 -18.71 14.43 -0.14
N GLY B 203 -17.99 15.44 -0.63
CA GLY B 203 -17.83 16.70 0.09
C GLY B 203 -16.60 16.81 0.96
N SER B 204 -15.70 15.84 0.84
CA SER B 204 -14.49 15.85 1.65
C SER B 204 -13.52 16.94 1.21
N ILE B 205 -13.51 17.25 -0.09
CA ILE B 205 -12.76 18.40 -0.58
C ILE B 205 -13.65 19.37 -1.36
N GLY B 206 -13.28 20.65 -1.30
CA GLY B 206 -13.92 21.68 -2.07
C GLY B 206 -13.51 21.69 -3.53
N THR B 207 -14.17 22.58 -4.28
CA THR B 207 -13.92 22.73 -5.69
C THR B 207 -12.48 23.09 -5.93
N ASP B 208 -11.99 24.07 -5.18
CA ASP B 208 -10.62 24.58 -5.37
C ASP B 208 -9.58 23.47 -5.33
N ARG B 209 -9.65 22.66 -4.26
CA ARG B 209 -8.77 21.51 -4.10
C ARG B 209 -8.91 20.56 -5.27
N PHE B 210 -10.14 20.25 -5.66
CA PHE B 210 -10.35 19.34 -6.77
C PHE B 210 -9.57 19.83 -7.99
N ALA B 211 -9.82 21.06 -8.41
CA ALA B 211 -9.08 21.68 -9.50
C ALA B 211 -7.57 21.52 -9.33
N GLN B 212 -7.07 21.80 -8.12
CA GLN B 212 -5.63 21.76 -7.84
C GLN B 212 -5.07 20.34 -7.89
N ALA B 213 -5.88 19.40 -7.42
CA ALA B 213 -5.48 18.02 -7.30
C ALA B 213 -5.39 17.34 -8.66
N VAL B 214 -6.48 17.40 -9.45
CA VAL B 214 -6.51 16.68 -10.72
C VAL B 214 -5.38 17.08 -11.67
N VAL B 215 -4.91 18.32 -11.58
CA VAL B 215 -3.84 18.76 -12.49
C VAL B 215 -2.51 18.08 -12.16
N TYR B 216 -2.39 17.52 -10.95
CA TYR B 216 -1.17 16.87 -10.52
C TYR B 216 -0.81 15.69 -11.45
N TYR B 217 -1.82 15.06 -12.04
CA TYR B 217 -1.59 13.87 -12.86
C TYR B 217 -1.22 14.17 -14.32
N ALA B 218 -1.45 15.41 -14.74
CA ALA B 218 -1.12 15.82 -16.10
C ALA B 218 0.36 15.57 -16.44
N PRO B 219 1.31 16.03 -15.59
CA PRO B 219 2.73 15.74 -15.92
C PRO B 219 3.05 14.27 -15.86
N ARG B 220 2.32 13.52 -15.04
CA ARG B 220 2.52 12.07 -14.89
C ARG B 220 2.13 11.33 -16.15
N PHE B 221 0.96 11.66 -16.70
CA PHE B 221 0.57 11.16 -18.02
C PHE B 221 1.57 11.60 -19.11
N ARG B 222 1.89 12.91 -19.14
CA ARG B 222 2.87 13.46 -20.09
C ARG B 222 4.22 12.73 -20.05
N LYS B 223 4.54 12.14 -18.91
CA LYS B 223 5.83 11.50 -18.70
C LYS B 223 6.07 10.27 -19.62
N PHE B 224 4.99 9.73 -20.18
CA PHE B 224 5.05 8.51 -20.99
C PHE B 224 5.98 8.64 -22.20
N LYS B 225 5.77 9.71 -22.99
CA LYS B 225 6.69 10.13 -24.06
C LYS B 225 8.17 9.92 -23.70
N GLU B 226 8.61 10.56 -22.61
CA GLU B 226 10.03 10.49 -22.22
C GLU B 226 10.48 9.09 -21.89
N ILE B 227 9.59 8.34 -21.24
CA ILE B 227 9.94 7.03 -20.71
C ILE B 227 10.22 6.05 -21.84
N VAL B 228 9.39 6.12 -22.87
CA VAL B 228 9.50 5.24 -24.03
C VAL B 228 10.88 5.33 -24.67
N LYS B 229 11.49 6.52 -24.64
CA LYS B 229 12.74 6.79 -25.35
C LYS B 229 13.91 5.93 -24.89
N ASN B 230 14.01 5.72 -23.58
CA ASN B 230 14.98 4.78 -23.02
C ASN B 230 14.32 4.02 -21.87
N PRO B 231 13.63 2.92 -22.21
CA PRO B 231 12.80 2.13 -21.31
C PRO B 231 13.40 1.68 -19.98
N ARG B 232 14.72 1.55 -19.88
CA ARG B 232 15.36 1.02 -18.66
C ARG B 232 14.97 1.80 -17.38
N VAL B 233 14.47 3.01 -17.59
CA VAL B 233 14.13 3.95 -16.53
C VAL B 233 12.98 3.48 -15.60
N ASP B 235 12.17 0.68 -14.06
CA ASP B 235 12.46 -0.11 -12.87
C ASP B 235 12.82 0.76 -11.64
N ASP B 236 12.89 2.06 -11.83
CA ASP B 236 13.14 2.99 -10.74
C ASP B 236 11.84 3.75 -10.46
N ILE B 237 11.67 4.18 -9.22
CA ILE B 237 10.49 4.94 -8.85
C ILE B 237 10.50 6.28 -9.58
N TYR B 238 11.67 6.91 -9.62
CA TYR B 238 11.83 8.25 -10.17
C TYR B 238 11.67 8.29 -11.67
N GLY B 239 11.88 7.15 -12.32
CA GLY B 239 11.71 7.03 -13.75
C GLY B 239 10.35 7.48 -14.24
N TRP B 240 9.36 7.50 -13.34
CA TRP B 240 7.98 7.78 -13.69
C TRP B 240 7.50 9.18 -13.35
N LEU B 241 8.41 9.99 -12.83
CA LEU B 241 8.07 11.25 -12.17
C LEU B 241 8.68 12.47 -12.86
N ASP B 242 7.84 13.47 -13.11
CA ASP B 242 8.30 14.79 -13.59
C ASP B 242 9.14 15.49 -12.53
N ALA B 243 9.58 16.70 -12.83
CA ALA B 243 10.45 17.41 -11.89
C ALA B 243 9.68 18.03 -10.72
N ASP B 244 8.40 18.38 -10.90
CA ASP B 244 7.60 18.86 -9.77
C ASP B 244 7.46 17.71 -8.76
N ASP B 245 7.21 16.51 -9.28
CA ASP B 245 7.13 15.32 -8.44
C ASP B 245 8.43 15.06 -7.69
N ARG B 246 9.55 14.98 -8.42
CA ARG B 246 10.86 14.79 -7.80
C ARG B 246 11.13 15.87 -6.76
N ALA B 247 10.81 17.12 -7.10
CA ALA B 247 10.98 18.23 -6.16
C ALA B 247 10.25 17.93 -4.86
N THR B 248 8.98 17.50 -4.97
CA THR B 248 8.18 17.24 -3.79
C THR B 248 8.78 16.12 -2.94
N ILE B 249 9.18 15.01 -3.58
CA ILE B 249 9.77 13.92 -2.79
C ILE B 249 11.10 14.31 -2.20
N ASN B 250 11.83 15.20 -2.86
CA ASN B 250 13.10 15.67 -2.32
C ASN B 250 12.88 16.54 -1.05
N GLU B 251 11.78 17.29 -1.06
CA GLU B 251 11.33 18.00 0.13
C GLU B 251 11.00 17.04 1.30
N ILE B 252 10.23 16.00 1.03
CA ILE B 252 9.89 15.01 2.05
C ILE B 252 11.16 14.32 2.55
N GLY B 253 12.09 14.12 1.62
CA GLY B 253 13.39 13.53 1.92
C GLY B 253 14.15 14.33 2.96
N LYS B 254 14.30 15.63 2.70
CA LYS B 254 14.93 16.54 3.66
C LYS B 254 14.18 16.55 4.99
N ILE B 255 12.92 16.18 4.99
CA ILE B 255 12.21 16.10 6.26
C ILE B 255 12.60 14.82 7.01
N VAL B 256 12.85 13.73 6.28
CA VAL B 256 13.08 12.45 6.99
C VAL B 256 14.50 11.97 7.05
N ILE B 257 15.26 12.15 5.97
CA ILE B 257 16.65 11.78 5.93
C ILE B 257 17.44 12.59 6.95
N ASN B 258 18.25 11.91 7.74
CA ASN B 258 19.06 12.56 8.76
C ASN B 258 20.34 11.75 9.09
N ALA B 259 20.93 12.04 10.25
CA ALA B 259 22.07 11.29 10.73
C ALA B 259 21.77 9.79 10.75
N THR B 260 20.69 9.41 11.41
CA THR B 260 20.41 8.00 11.61
C THR B 260 19.63 7.35 10.46
N TYR B 261 19.10 8.16 9.53
CA TYR B 261 18.26 7.61 8.47
C TYR B 261 18.72 8.17 7.15
N ASP B 262 19.34 7.38 6.27
CA ASP B 262 19.96 7.95 5.07
C ASP B 262 19.16 7.80 3.78
N LYS B 263 19.68 8.39 2.70
CA LYS B 263 19.06 8.36 1.38
C LYS B 263 18.63 6.94 0.97
N ASP B 264 19.37 5.94 1.46
CA ASP B 264 19.13 4.54 1.07
C ASP B 264 17.90 3.90 1.69
N LYS B 265 17.69 4.10 2.98
CA LYS B 265 16.51 3.54 3.63
C LYS B 265 15.24 4.16 3.05
N PHE B 266 15.37 5.44 2.73
CA PHE B 266 14.27 6.26 2.21
C PHE B 266 13.87 5.76 0.82
N ASN B 267 14.85 5.75 -0.07
CA ASN B 267 14.60 5.23 -1.40
C ASN B 267 14.05 3.82 -1.40
N ASN B 268 14.49 3.03 -0.42
CA ASN B 268 14.02 1.70 -0.33
C ASN B 268 12.51 1.65 -0.01
N VAL B 269 12.05 2.51 0.91
CA VAL B 269 10.61 2.58 1.21
C VAL B 269 9.79 2.87 -0.07
N LEU B 270 10.25 3.84 -0.85
CA LEU B 270 9.55 4.26 -2.06
C LEU B 270 9.50 3.15 -3.11
N ASN B 271 10.61 2.45 -3.29
CA ASN B 271 10.65 1.31 -4.19
C ASN B 271 9.70 0.20 -3.72
N SER B 272 9.49 0.10 -2.42
CA SER B 272 8.64 -0.98 -1.90
C SER B 272 7.17 -0.71 -2.15
N VAL B 273 6.74 0.52 -1.89
CA VAL B 273 5.33 0.80 -1.99
C VAL B 273 4.87 0.92 -3.44
N GLY B 274 5.76 1.44 -4.30
CA GLY B 274 5.45 1.62 -5.71
C GLY B 274 4.92 3.00 -6.07
N VAL B 275 4.88 3.27 -7.37
CA VAL B 275 4.46 4.60 -7.84
C VAL B 275 3.08 4.96 -7.32
N TYR B 276 2.15 4.00 -7.36
CA TYR B 276 0.78 4.22 -6.91
C TYR B 276 0.77 4.95 -5.55
N TYR B 277 1.41 4.34 -4.55
CA TYR B 277 1.41 4.90 -3.22
C TYR B 277 2.29 6.12 -3.08
N VAL B 278 3.39 6.13 -3.80
CA VAL B 278 4.27 7.30 -3.81
C VAL B 278 3.50 8.55 -4.22
N VAL B 279 2.85 8.52 -5.39
CA VAL B 279 2.21 9.73 -5.92
C VAL B 279 1.06 10.15 -5.02
N ARG B 280 0.39 9.17 -4.43
CA ARG B 280 -0.69 9.51 -3.55
C ARG B 280 -0.13 10.31 -2.37
N ILE B 282 2.68 12.14 -2.32
CA ILE B 282 3.00 13.43 -2.91
C ILE B 282 1.81 14.41 -2.89
N ASP B 283 0.69 13.99 -3.46
CA ASP B 283 -0.48 14.82 -3.51
C ASP B 283 -0.91 15.21 -2.10
N ILE B 284 -1.06 14.22 -1.23
CA ILE B 284 -1.50 14.51 0.14
C ILE B 284 -0.59 15.56 0.82
N TYR B 285 0.72 15.42 0.62
CA TYR B 285 1.67 16.34 1.21
C TYR B 285 1.47 17.75 0.65
N ARG B 286 1.42 17.85 -0.67
CA ARG B 286 1.21 19.12 -1.35
C ARG B 286 0.03 19.88 -0.76
N GLY B 287 -1.08 19.18 -0.56
CA GLY B 287 -2.24 19.74 0.11
C GLY B 287 -1.90 20.33 1.45
N VAL B 288 -1.26 19.52 2.28
CA VAL B 288 -0.90 19.92 3.63
C VAL B 288 0.00 21.16 3.59
N LYS B 289 1.02 21.16 2.73
CA LYS B 289 1.94 22.32 2.67
C LYS B 289 1.27 23.59 2.20
N ILE B 290 0.41 23.49 1.18
CA ILE B 290 -0.32 24.64 0.67
C ILE B 290 -1.08 25.30 1.81
N GLU B 291 -1.90 24.53 2.51
CA GLU B 291 -2.73 25.11 3.53
C GLU B 291 -1.93 25.62 4.71
N HIS B 292 -0.78 24.99 4.97
CA HIS B 292 0.10 25.47 6.02
C HIS B 292 0.60 26.85 5.67
N ASP B 293 1.01 27.05 4.42
CA ASP B 293 1.54 28.34 3.99
C ASP B 293 0.52 29.48 4.00
N GLU B 294 -0.72 29.17 3.60
CA GLU B 294 -1.80 30.15 3.69
C GLU B 294 -2.03 30.56 5.14
N ALA B 295 -1.98 29.60 6.06
CA ALA B 295 -2.10 29.91 7.49
C ALA B 295 -0.91 30.77 7.94
N LEU B 296 0.27 30.52 7.38
CA LEU B 296 1.43 31.35 7.69
C LEU B 296 1.22 32.81 7.32
N ASN B 297 0.90 33.08 6.05
CA ASN B 297 0.60 34.45 5.61
C ASN B 297 -0.47 35.07 6.50
N ALA B 298 -1.60 34.38 6.63
CA ALA B 298 -2.70 34.86 7.44
C ALA B 298 -2.25 35.26 8.86
N ILE B 299 -1.34 34.49 9.45
CA ILE B 299 -0.88 34.78 10.80
C ILE B 299 0.01 36.01 10.81
N THR B 300 0.88 36.17 9.82
CA THR B 300 1.77 37.34 9.75
C THR B 300 0.96 38.62 9.76
N THR B 301 -0.16 38.55 9.05
CA THR B 301 -1.12 39.61 8.89
C THR B 301 -1.72 40.07 10.21
N VAL B 302 -1.92 39.14 11.13
CA VAL B 302 -2.48 39.50 12.43
C VAL B 302 -1.60 40.53 13.14
N PRO B 303 -2.25 41.55 13.75
CA PRO B 303 -1.58 42.62 14.50
C PRO B 303 -0.63 42.00 15.51
N ASP B 304 0.57 42.56 15.54
CA ASP B 304 1.63 42.05 16.35
C ASP B 304 1.29 41.90 17.84
N GLY B 305 1.79 40.84 18.46
CA GLY B 305 1.52 40.54 19.86
C GLY B 305 0.07 40.18 20.15
N VAL B 306 -0.35 40.33 21.41
CA VAL B 306 -1.66 39.85 21.90
C VAL B 306 -1.82 38.35 21.54
N VAL B 307 -2.89 38.01 20.81
CA VAL B 307 -3.21 36.62 20.46
C VAL B 307 -2.46 36.09 19.23
N LYS B 308 -1.72 36.95 18.52
CA LYS B 308 -1.02 36.55 17.30
C LYS B 308 -0.02 35.46 17.55
N GLN B 309 0.75 35.63 18.61
CA GLN B 309 1.76 34.63 18.93
C GLN B 309 1.08 33.34 19.37
N ASP B 310 -0.06 33.46 20.03
CA ASP B 310 -0.82 32.28 20.43
C ASP B 310 -1.24 31.44 19.19
N LEU B 311 -1.53 32.11 18.08
CA LEU B 311 -1.82 31.39 16.85
C LEU B 311 -0.60 30.70 16.30
N GLN B 312 0.53 31.39 16.27
CA GLN B 312 1.76 30.81 15.72
C GLN B 312 2.25 29.61 16.56
N ALA B 313 1.75 29.52 17.79
CA ALA B 313 1.99 28.38 18.64
C ALA B 313 1.39 27.18 17.95
N ARG B 314 0.11 27.33 17.61
CA ARG B 314 -0.65 26.27 16.96
C ARG B 314 -0.04 25.90 15.64
N LEU B 315 0.41 26.91 14.90
CA LEU B 315 1.01 26.66 13.59
C LEU B 315 2.21 25.77 13.77
N ASN B 316 3.08 26.14 14.70
CA ASN B 316 4.30 25.37 14.94
C ASN B 316 4.01 24.00 15.51
N ARG B 317 3.01 23.94 16.39
CA ARG B 317 2.59 22.68 17.01
C ARG B 317 2.12 21.74 15.92
N PHE B 318 1.26 22.25 15.03
CA PHE B 318 0.73 21.41 13.97
C PHE B 318 1.84 20.98 13.02
N LYS B 319 2.74 21.89 12.66
CA LYS B 319 3.79 21.55 11.71
C LYS B 319 4.65 20.45 12.31
N GLY B 320 5.01 20.60 13.58
CA GLY B 320 5.86 19.62 14.24
C GLY B 320 5.21 18.27 14.23
N GLU B 321 3.95 18.21 14.64
CA GLU B 321 3.20 16.96 14.69
C GLU B 321 3.19 16.28 13.30
N TYR B 322 2.92 17.04 12.25
CA TYR B 322 2.84 16.47 10.91
C TYR B 322 4.20 15.92 10.44
N TYR B 323 5.23 16.75 10.58
CA TYR B 323 6.57 16.34 10.20
C TYR B 323 6.97 15.10 10.99
N SER B 324 6.52 15.04 12.24
CA SER B 324 6.81 13.90 13.08
C SER B 324 6.17 12.64 12.53
N ASN B 325 4.95 12.77 12.01
CA ASN B 325 4.27 11.64 11.45
C ASN B 325 5.01 11.12 10.25
N ILE B 326 5.54 12.03 9.45
CA ILE B 326 6.27 11.63 8.27
C ILE B 326 7.48 10.80 8.67
N ARG B 327 8.24 11.30 9.64
CA ARG B 327 9.41 10.57 10.13
C ARG B 327 9.03 9.27 10.78
N GLY B 328 8.02 9.29 11.62
CA GLY B 328 7.56 8.11 12.34
C GLY B 328 7.15 7.00 11.38
N THR B 329 6.46 7.38 10.30
CA THR B 329 5.95 6.41 9.37
C THR B 329 7.09 5.79 8.57
N PHE B 330 8.05 6.61 8.15
CA PHE B 330 9.19 6.07 7.40
C PHE B 330 10.11 5.21 8.26
N LYS B 331 10.29 5.60 9.51
CA LYS B 331 11.14 4.82 10.36
C LYS B 331 10.42 3.50 10.59
N GLY B 332 9.14 3.58 10.90
CA GLY B 332 8.36 2.39 11.14
C GLY B 332 8.35 1.47 9.94
N PHE B 333 8.45 2.05 8.75
CA PHE B 333 8.44 1.25 7.54
C PHE B 333 9.74 0.47 7.44
N THR B 334 10.87 1.17 7.57
CA THR B 334 12.18 0.57 7.53
C THR B 334 12.40 -0.45 8.65
N ASP B 335 11.82 -0.20 9.82
CA ASP B 335 12.03 -1.09 10.96
C ASP B 335 11.27 -2.41 10.86
N GLY B 336 10.20 -2.45 10.08
CA GLY B 336 9.37 -3.67 9.95
C GLY B 336 8.08 -3.64 10.75
N LEU B 337 7.75 -2.46 11.25
CA LEU B 337 6.57 -2.29 12.09
C LEU B 337 5.32 -2.29 11.25
N HIS B 338 5.40 -1.62 10.09
CA HIS B 338 4.26 -1.48 9.20
C HIS B 338 4.66 -1.43 7.74
N PHE B 339 3.68 -1.55 6.84
CA PHE B 339 3.99 -1.70 5.42
C PHE B 339 3.28 -0.66 4.58
N GLN B 340 2.97 0.45 5.23
CA GLN B 340 2.26 1.49 4.57
C GLN B 340 2.70 2.89 5.02
N ILE B 341 2.95 3.79 4.07
CA ILE B 341 3.19 5.20 4.41
C ILE B 341 1.87 5.89 4.72
N THR B 343 0.64 9.44 6.67
CA THR B 343 1.11 10.71 7.26
C THR B 343 0.02 11.42 8.10
N ASP B 344 -1.21 10.90 8.01
CA ASP B 344 -2.43 11.54 8.53
C ASP B 344 -2.59 12.94 7.88
N GLY B 345 -2.42 12.98 6.55
CA GLY B 345 -2.39 14.21 5.77
C GLY B 345 -3.66 15.03 5.81
N ASP B 346 -4.76 14.43 5.41
CA ASP B 346 -6.05 15.10 5.41
C ASP B 346 -6.37 15.78 6.77
N LYS B 347 -6.19 15.07 7.87
CA LYS B 347 -6.44 15.64 9.21
C LYS B 347 -5.67 16.95 9.43
N TYR B 348 -4.39 16.95 9.06
CA TYR B 348 -3.49 18.08 9.30
C TYR B 348 -3.77 19.23 8.38
N ARG B 349 -4.14 18.91 7.14
CA ARG B 349 -4.59 19.91 6.19
C ARG B 349 -5.82 20.66 6.74
N ASN B 350 -6.82 19.93 7.20
CA ASN B 350 -7.96 20.56 7.82
C ASN B 350 -7.56 21.44 9.02
N TYR B 351 -6.60 20.96 9.81
CA TYR B 351 -6.15 21.74 10.96
C TYR B 351 -5.58 23.09 10.53
N PHE B 352 -4.74 23.09 9.50
CA PHE B 352 -4.18 24.33 8.96
C PHE B 352 -5.27 25.25 8.40
N ILE B 353 -6.27 24.68 7.77
CA ILE B 353 -7.34 25.46 7.18
C ILE B 353 -8.08 26.23 8.30
N ILE B 354 -8.58 25.51 9.32
CA ILE B 354 -9.24 26.12 10.47
C ILE B 354 -8.37 27.24 11.04
N LEU B 355 -7.08 26.97 11.14
CA LEU B 355 -6.14 27.93 11.66
C LEU B 355 -6.08 29.18 10.80
N LYS B 356 -5.99 29.02 9.49
CA LYS B 356 -6.01 30.15 8.56
C LYS B 356 -7.25 31.03 8.79
N PHE B 357 -8.40 30.39 8.97
CA PHE B 357 -9.63 31.13 9.20
C PHE B 357 -9.62 31.85 10.50
N ASP B 358 -9.04 31.25 11.53
CA ASP B 358 -8.99 31.95 12.81
C ASP B 358 -8.04 33.14 12.72
N ALA B 359 -7.00 33.02 11.91
CA ALA B 359 -6.05 34.12 11.70
C ALA B 359 -6.64 35.27 10.87
N GLN B 360 -7.41 34.91 9.85
CA GLN B 360 -8.12 35.89 9.07
C GLN B 360 -9.18 36.59 9.92
N ALA B 361 -9.83 35.84 10.81
CA ALA B 361 -10.88 36.38 11.67
C ALA B 361 -10.29 37.21 12.78
N ALA B 362 -9.03 36.98 13.11
CA ALA B 362 -8.42 37.73 14.19
C ALA B 362 -7.69 38.97 13.67
N ARG B 363 -7.29 38.97 12.40
CA ARG B 363 -6.83 40.22 11.73
C ARG B 363 -7.90 41.31 11.85
N VAL B 364 -9.14 40.93 11.60
CA VAL B 364 -10.26 41.85 11.62
C VAL B 364 -10.56 42.38 13.02
N ALA B 365 -10.53 41.51 14.03
CA ALA B 365 -10.73 41.99 15.40
C ALA B 365 -9.40 42.55 15.90
#